data_3I4G
#
_entry.id   3I4G
#
_cell.length_a   47.685
_cell.length_b   66.415
_cell.length_c   162.740
_cell.angle_alpha   90.000
_cell.angle_beta   90.000
_cell.angle_gamma   90.000
#
_symmetry.space_group_name_H-M   'P 21 21 21'
#
loop_
_entity.id
_entity.type
_entity.pdbx_description
1 polymer 'SusD-like carbohydrate binding protein BF1063'
2 non-polymer '4-(2-HYDROXYETHYL)-1-PIPERAZINE ETHANESULFONIC ACID'
3 non-polymer 1,2-ETHANEDIOL
4 water water
#
_entity_poly.entity_id   1
_entity_poly.type   'polypeptide(L)'
_entity_poly.pdbx_seq_one_letter_code
;GCDLERYPLTDLSEETFWNSESNAELALTSLYRGSLTDGVEYNPSDWWSYHG(MSE)I(MSE)(MSE)EHLSDNAFDRRG
ENNPFFKISSGNLTADNAFIKRYWETSYKRIGYCNRFLVGIQNSSESEKKTR(MSE)IAEARFLRATQYFYLASYFKNVP
LVENVLTGEEANNVTKTSQADILKWCVTEFTAAAADLPRFSAIPAGEAGRACKQAALAFLGRTC(MSE)LQKDWKSGAKA
FHDI(MSE)ELGDNAINANYQELFYPSTGTSNKENIFYIQYLENYLGTGLPQHALSAKDGGWSLVNPAADLYESYEFKDG
TPFSYDDPRYDPSNLGKDRDPRLDYTIYYNGAIF(MSE)GTEYK(MSE)SPDYSAAKKEKLDYTSEASRTGF(MSE)
(MSE)RKYFEESTPINDVQSANGLTPVIRYAEVLLGYLECLVEDNQTITQGILDETINAVRGRASVN(MSE)PPVTEVTP
AKLREIVRHERRIELA(MSE)EGIRYWDI(MSE)RWGIAHEVLSQKIWGAPYPGSTQYATTTKEVDPTGNYRWYVGKRAF
RNPTDYTWPIPQSEQNINPNLRD
;
_entity_poly.pdbx_strand_id   A
#
# COMPACT_ATOMS: atom_id res chain seq x y z
N GLU A 15 29.52 18.56 12.38
CA GLU A 15 30.54 19.62 12.10
C GLU A 15 31.50 19.15 11.01
N THR A 16 32.49 18.34 11.40
CA THR A 16 33.44 17.77 10.44
C THR A 16 32.78 16.62 9.66
N PHE A 17 31.71 16.06 10.23
CA PHE A 17 30.94 14.99 9.59
C PHE A 17 30.58 15.38 8.17
N TRP A 18 30.07 16.60 8.03
CA TRP A 18 29.61 17.11 6.73
C TRP A 18 30.73 17.48 5.74
N ASN A 19 32.00 17.35 6.14
CA ASN A 19 33.12 17.56 5.23
C ASN A 19 33.25 16.45 4.19
N SER A 20 32.52 15.35 4.39
CA SER A 20 32.64 14.17 3.55
C SER A 20 31.35 13.73 2.86
N GLU A 21 31.38 13.59 1.53
CA GLU A 21 30.19 13.09 0.79
C GLU A 21 29.83 11.66 1.20
N SER A 22 30.83 10.89 1.60
N SER A 22 30.82 10.86 1.58
N SER A 22 30.81 10.86 1.59
CA SER A 22 30.62 9.52 2.08
CA SER A 22 30.53 9.50 2.04
CA SER A 22 30.53 9.50 2.04
C SER A 22 29.76 9.54 3.35
C SER A 22 29.75 9.52 3.36
C SER A 22 29.73 9.54 3.35
N ASN A 23 30.05 10.50 4.24
CA ASN A 23 29.28 10.66 5.49
C ASN A 23 27.85 11.13 5.17
N ALA A 24 27.72 12.06 4.23
CA ALA A 24 26.39 12.44 3.80
C ALA A 24 25.64 11.24 3.24
N GLU A 25 26.32 10.43 2.44
N GLU A 25 26.32 10.43 2.43
CA GLU A 25 25.68 9.23 1.90
CA GLU A 25 25.69 9.22 1.91
C GLU A 25 25.25 8.28 3.01
C GLU A 25 25.25 8.28 3.01
N LEU A 26 26.08 8.14 4.05
CA LEU A 26 25.75 7.30 5.17
C LEU A 26 24.49 7.84 5.86
N ALA A 27 24.44 9.14 6.09
CA ALA A 27 23.25 9.74 6.69
C ALA A 27 22.00 9.53 5.81
N LEU A 28 22.18 9.68 4.50
CA LEU A 28 21.07 9.45 3.59
C LEU A 28 20.54 8.01 3.64
N THR A 29 21.42 7.04 3.79
CA THR A 29 20.97 5.65 3.92
C THR A 29 20.03 5.51 5.14
N SER A 30 20.33 6.23 6.22
N SER A 30 20.33 6.22 6.22
CA SER A 30 19.47 6.19 7.39
CA SER A 30 19.47 6.21 7.42
C SER A 30 18.14 6.87 7.11
C SER A 30 18.14 6.94 7.19
N LEU A 31 18.14 7.94 6.33
CA LEU A 31 16.86 8.59 5.95
C LEU A 31 15.99 7.56 5.19
N TYR A 32 16.56 6.80 4.26
CA TYR A 32 15.75 5.82 3.57
C TYR A 32 15.25 4.73 4.53
N ARG A 33 16.14 4.25 5.38
CA ARG A 33 15.78 3.14 6.28
C ARG A 33 14.71 3.51 7.27
N GLY A 34 14.80 4.72 7.79
CA GLY A 34 13.85 5.14 8.81
C GLY A 34 13.93 4.19 10.00
N SER A 35 12.77 3.76 10.47
CA SER A 35 12.66 2.86 11.62
C SER A 35 12.50 1.40 11.22
N LEU A 36 12.65 1.07 9.94
CA LEU A 36 12.57 -0.32 9.52
C LEU A 36 13.66 -1.16 10.22
N THR A 37 13.35 -2.35 10.68
CA THR A 37 14.43 -3.22 11.19
C THR A 37 14.25 -4.57 10.51
N ASP A 38 15.18 -5.46 10.78
N ASP A 38 15.18 -5.46 10.78
CA ASP A 38 15.23 -6.78 10.21
CA ASP A 38 15.16 -6.78 10.23
C ASP A 38 14.13 -7.68 10.75
C ASP A 38 14.00 -7.56 10.75
N GLY A 39 13.34 -8.25 9.83
CA GLY A 39 12.39 -9.27 10.19
C GLY A 39 10.96 -8.97 10.53
N VAL A 40 10.45 -9.75 11.48
CA VAL A 40 9.04 -9.69 11.85
C VAL A 40 8.73 -8.43 12.62
N GLU A 41 7.63 -7.79 12.26
CA GLU A 41 7.13 -6.63 13.01
C GLU A 41 5.67 -6.87 13.31
N TYR A 42 5.25 -6.42 14.49
CA TYR A 42 3.90 -6.62 14.98
C TYR A 42 3.05 -5.38 14.86
N ASN A 43 3.61 -4.35 14.22
CA ASN A 43 2.97 -3.08 13.98
C ASN A 43 3.80 -2.37 12.93
N PRO A 44 3.28 -1.28 12.36
CA PRO A 44 4.06 -0.58 11.33
C PRO A 44 5.36 0.00 11.83
N SER A 45 6.42 -0.11 11.06
CA SER A 45 7.64 0.61 11.31
C SER A 45 7.83 1.76 10.34
N ASP A 46 7.00 1.81 9.30
N ASP A 46 6.95 1.85 9.35
CA ASP A 46 7.05 2.83 8.27
CA ASP A 46 7.06 2.81 8.27
C ASP A 46 5.81 2.75 7.43
C ASP A 46 5.82 2.74 7.42
N TRP A 47 5.45 3.82 6.73
CA TRP A 47 4.36 3.74 5.78
C TRP A 47 4.61 2.68 4.71
N TRP A 48 5.86 2.30 4.48
CA TRP A 48 6.21 1.35 3.43
C TRP A 48 6.64 -0.01 3.96
N SER A 49 6.61 -0.22 5.27
CA SER A 49 6.96 -1.53 5.83
C SER A 49 5.81 -2.52 5.54
N TYR A 50 6.03 -3.80 5.75
CA TYR A 50 4.96 -4.72 5.35
C TYR A 50 3.70 -4.51 6.18
N HIS A 51 3.84 -4.26 7.47
CA HIS A 51 2.66 -3.98 8.30
C HIS A 51 2.16 -2.57 8.06
N GLY A 52 3.02 -1.63 7.73
CA GLY A 52 2.59 -0.28 7.50
C GLY A 52 1.88 -0.04 6.20
N ILE A 54 1.30 -2.99 3.18
CA ILE A 54 0.48 -4.13 2.71
C ILE A 54 -0.65 -4.42 3.66
N GLU A 57 -4.32 -3.15 3.99
CA GLU A 57 -5.47 -3.75 3.31
C GLU A 57 -6.46 -4.32 4.32
N HIS A 58 -5.99 -4.67 5.50
CA HIS A 58 -6.87 -5.13 6.58
C HIS A 58 -7.87 -4.11 7.07
N LEU A 59 -7.64 -2.84 6.73
CA LEU A 59 -8.51 -1.75 7.11
C LEU A 59 -9.54 -1.45 6.04
N SER A 60 -9.48 -2.18 4.93
CA SER A 60 -10.31 -1.95 3.76
C SER A 60 -11.30 -3.08 3.54
N ASP A 61 -12.15 -2.87 2.54
CA ASP A 61 -13.10 -3.86 2.08
C ASP A 61 -12.46 -5.09 1.40
N ASN A 62 -11.16 -5.05 1.17
CA ASN A 62 -10.45 -6.14 0.54
C ASN A 62 -10.01 -7.26 1.44
N ALA A 63 -9.88 -7.01 2.75
CA ALA A 63 -9.21 -7.99 3.59
C ALA A 63 -9.56 -7.81 5.05
N PHE A 64 -9.02 -8.69 5.87
CA PHE A 64 -9.30 -8.77 7.29
C PHE A 64 -8.01 -9.14 8.01
N ASP A 65 -7.90 -8.69 9.25
CA ASP A 65 -6.76 -9.01 10.10
C ASP A 65 -7.07 -10.24 10.91
N ARG A 66 -6.23 -11.28 10.83
CA ARG A 66 -6.50 -12.53 11.57
C ARG A 66 -6.66 -12.27 13.06
N ARG A 67 -6.00 -11.22 13.59
CA ARG A 67 -6.10 -10.92 15.03
C ARG A 67 -7.53 -10.52 15.42
N GLY A 68 -8.37 -10.17 14.45
CA GLY A 68 -9.77 -9.98 14.71
C GLY A 68 -10.27 -8.59 15.05
N GLU A 69 -11.56 -8.55 15.33
CA GLU A 69 -12.29 -7.31 15.50
C GLU A 69 -11.88 -6.51 16.72
N ASN A 70 -11.30 -7.15 17.73
N ASN A 70 -11.29 -7.15 17.72
CA ASN A 70 -10.84 -6.43 18.91
CA ASN A 70 -10.85 -6.41 18.90
C ASN A 70 -9.39 -5.97 18.79
C ASN A 70 -9.36 -6.05 18.82
N ASN A 71 -8.73 -6.31 17.69
CA ASN A 71 -7.35 -5.91 17.53
C ASN A 71 -7.32 -4.40 17.22
N PRO A 72 -6.48 -3.61 17.90
CA PRO A 72 -6.53 -2.15 17.67
C PRO A 72 -6.15 -1.70 16.28
N PHE A 73 -5.40 -2.51 15.51
CA PHE A 73 -5.11 -2.10 14.14
C PHE A 73 -6.39 -2.11 13.33
N PHE A 74 -7.14 -3.21 13.42
CA PHE A 74 -8.44 -3.30 12.75
C PHE A 74 -9.39 -2.19 13.19
N LYS A 75 -9.27 -1.77 14.44
CA LYS A 75 -10.14 -0.74 14.97
C LYS A 75 -9.92 0.63 14.30
N ILE A 76 -8.81 0.84 13.59
CA ILE A 76 -8.58 2.12 12.92
C ILE A 76 -9.76 2.48 12.04
N SER A 77 -10.34 1.51 11.31
CA SER A 77 -11.45 1.82 10.41
C SER A 77 -12.73 1.05 10.67
N SER A 78 -12.88 0.44 11.84
CA SER A 78 -14.11 -0.31 12.13
C SER A 78 -15.17 0.47 12.91
N GLY A 79 -14.86 1.69 13.30
CA GLY A 79 -15.76 2.50 14.11
C GLY A 79 -15.32 2.61 15.57
N ASN A 80 -14.18 2.00 15.91
CA ASN A 80 -13.71 1.92 17.29
C ASN A 80 -12.38 2.58 17.51
N LEU A 81 -11.98 3.51 16.64
CA LEU A 81 -10.69 4.19 16.84
C LEU A 81 -10.78 5.25 17.91
N THR A 82 -9.84 5.18 18.86
CA THR A 82 -9.68 6.18 19.90
C THR A 82 -8.24 6.68 19.89
N ALA A 83 -8.01 7.84 20.53
CA ALA A 83 -6.72 8.50 20.43
C ALA A 83 -5.57 7.80 21.08
N ASP A 84 -5.83 6.84 21.98
CA ASP A 84 -4.78 6.07 22.62
C ASP A 84 -4.36 4.83 21.82
N ASN A 85 -4.79 4.72 20.56
CA ASN A 85 -4.47 3.57 19.72
C ASN A 85 -2.96 3.46 19.48
N ALA A 86 -2.39 2.26 19.70
CA ALA A 86 -0.94 2.08 19.57
C ALA A 86 -0.48 2.16 18.14
N PHE A 87 -1.32 1.79 17.18
CA PHE A 87 -0.91 1.75 15.78
C PHE A 87 -0.85 3.15 15.21
N ILE A 88 -1.81 4.00 15.53
CA ILE A 88 -1.74 5.37 15.01
C ILE A 88 -0.53 6.06 15.66
N LYS A 89 -0.22 5.75 16.92
CA LYS A 89 0.97 6.36 17.53
C LYS A 89 2.23 5.93 16.82
N ARG A 90 2.35 4.66 16.38
N ARG A 90 2.27 4.69 16.39
CA ARG A 90 3.52 4.25 15.61
CA ARG A 90 3.40 4.21 15.72
C ARG A 90 3.65 5.01 14.31
C ARG A 90 3.62 4.95 14.37
N TYR A 91 2.57 5.10 13.55
CA TYR A 91 2.64 5.83 12.29
C TYR A 91 3.10 7.28 12.56
N TRP A 92 2.51 7.91 13.57
CA TRP A 92 2.88 9.27 13.93
C TRP A 92 4.37 9.39 14.29
N GLU A 93 4.83 8.58 15.22
N GLU A 93 4.79 8.54 15.22
CA GLU A 93 6.19 8.76 15.68
CA GLU A 93 6.15 8.55 15.77
C GLU A 93 7.21 8.38 14.60
C GLU A 93 7.22 8.28 14.72
N THR A 94 7.00 7.32 13.83
CA THR A 94 7.98 7.00 12.81
C THR A 94 8.02 8.12 11.77
N SER A 95 6.89 8.74 11.48
CA SER A 95 6.86 9.87 10.53
C SER A 95 7.71 11.01 11.03
N TYR A 96 7.44 11.46 12.25
CA TYR A 96 8.14 12.62 12.80
C TYR A 96 9.59 12.31 13.11
N LYS A 97 9.92 11.06 13.40
CA LYS A 97 11.32 10.68 13.57
C LYS A 97 12.05 10.86 12.23
N ARG A 98 11.50 10.35 11.13
CA ARG A 98 12.14 10.52 9.85
C ARG A 98 12.16 12.01 9.46
N ILE A 99 11.09 12.74 9.70
CA ILE A 99 11.06 14.16 9.38
C ILE A 99 12.18 14.88 10.11
N GLY A 100 12.36 14.58 11.39
CA GLY A 100 13.42 15.26 12.14
C GLY A 100 14.79 14.95 11.61
N TYR A 101 15.05 13.70 11.24
CA TYR A 101 16.36 13.37 10.66
C TYR A 101 16.51 14.04 9.28
N CYS A 102 15.44 14.13 8.48
CA CYS A 102 15.54 14.82 7.20
C CYS A 102 15.86 16.29 7.42
N ASN A 103 15.24 16.88 8.42
CA ASN A 103 15.49 18.31 8.72
C ASN A 103 16.93 18.53 9.13
N ARG A 104 17.49 17.64 9.94
N ARG A 104 17.46 17.61 9.93
CA ARG A 104 18.88 17.79 10.33
CA ARG A 104 18.86 17.64 10.37
C ARG A 104 19.79 17.59 9.12
C ARG A 104 19.82 17.51 9.19
N PHE A 105 19.49 16.62 8.27
CA PHE A 105 20.27 16.39 7.07
C PHE A 105 20.28 17.62 6.17
N LEU A 106 19.11 18.21 5.95
CA LEU A 106 18.97 19.35 5.04
C LEU A 106 19.70 20.56 5.57
N VAL A 107 19.69 20.74 6.88
N VAL A 107 19.71 20.76 6.88
CA VAL A 107 20.45 21.83 7.49
CA VAL A 107 20.48 21.90 7.43
C VAL A 107 21.94 21.51 7.41
C VAL A 107 21.98 21.57 7.53
N GLY A 108 22.32 20.33 7.86
CA GLY A 108 23.72 19.95 7.96
C GLY A 108 24.48 19.97 6.64
N ILE A 109 23.81 19.61 5.54
CA ILE A 109 24.49 19.52 4.24
C ILE A 109 24.62 20.87 3.53
N GLN A 110 23.91 21.89 3.99
CA GLN A 110 23.86 23.14 3.24
C GLN A 110 25.18 23.74 2.90
N ASN A 111 26.15 23.68 3.81
CA ASN A 111 27.42 24.35 3.61
C ASN A 111 28.52 23.46 3.02
N SER A 112 28.17 22.22 2.68
N SER A 112 28.16 22.25 2.63
CA SER A 112 29.14 21.29 2.09
CA SER A 112 29.13 21.34 2.06
C SER A 112 29.42 21.62 0.64
C SER A 112 29.48 21.73 0.63
N SER A 113 30.58 21.20 0.14
CA SER A 113 31.00 21.48 -1.22
C SER A 113 29.89 21.17 -2.21
N GLU A 114 29.75 22.07 -3.19
CA GLU A 114 28.75 21.86 -4.21
C GLU A 114 29.15 20.74 -5.16
N SER A 115 28.17 19.96 -5.55
CA SER A 115 28.41 18.86 -6.50
C SER A 115 27.07 18.34 -6.97
N GLU A 116 27.13 17.57 -8.05
CA GLU A 116 25.88 16.92 -8.51
C GLU A 116 25.34 15.98 -7.44
N LYS A 117 26.23 15.28 -6.73
CA LYS A 117 25.79 14.36 -5.70
C LYS A 117 25.10 15.10 -4.55
N LYS A 118 25.67 16.24 -4.15
CA LYS A 118 25.02 17.04 -3.10
C LYS A 118 23.59 17.45 -3.52
N THR A 119 23.47 17.96 -4.74
CA THR A 119 22.17 18.39 -5.23
C THR A 119 21.16 17.25 -5.29
N ARG A 120 21.64 16.08 -5.72
CA ARG A 120 20.79 14.90 -5.72
C ARG A 120 20.35 14.51 -4.33
N ILE A 122 20.10 16.26 -1.58
CA ILE A 122 19.14 17.22 -1.05
C ILE A 122 17.76 16.88 -1.59
N ALA A 123 17.67 16.62 -2.91
CA ALA A 123 16.38 16.22 -3.49
C ALA A 123 15.84 14.92 -2.87
N GLU A 124 16.71 13.96 -2.61
CA GLU A 124 16.28 12.71 -1.98
C GLU A 124 15.73 12.96 -0.60
N ALA A 125 16.44 13.76 0.19
CA ALA A 125 15.95 14.08 1.54
C ALA A 125 14.64 14.82 1.49
N ARG A 126 14.48 15.73 0.54
CA ARG A 126 13.20 16.44 0.42
C ARG A 126 12.06 15.50 0.00
N PHE A 127 12.36 14.60 -0.92
CA PHE A 127 11.35 13.60 -1.32
C PHE A 127 10.92 12.80 -0.14
N LEU A 128 11.88 12.25 0.59
CA LEU A 128 11.57 11.41 1.75
C LEU A 128 10.79 12.17 2.81
N ARG A 129 11.19 13.41 3.12
CA ARG A 129 10.46 14.20 4.10
C ARG A 129 9.04 14.46 3.63
N ALA A 130 8.89 14.83 2.37
CA ALA A 130 7.57 15.11 1.85
C ALA A 130 6.64 13.91 1.83
N THR A 131 7.17 12.71 1.60
CA THR A 131 6.32 11.54 1.67
C THR A 131 5.73 11.38 3.06
N GLN A 132 6.46 11.74 4.11
CA GLN A 132 5.91 11.59 5.46
C GLN A 132 4.75 12.53 5.67
N TYR A 133 4.88 13.79 5.23
CA TYR A 133 3.78 14.73 5.34
C TYR A 133 2.60 14.30 4.45
N PHE A 134 2.86 13.68 3.31
CA PHE A 134 1.81 13.18 2.44
C PHE A 134 0.95 12.17 3.17
N TYR A 135 1.57 11.21 3.83
CA TYR A 135 0.80 10.22 4.57
C TYR A 135 0.16 10.82 5.85
N LEU A 136 0.88 11.66 6.60
CA LEU A 136 0.25 12.34 7.73
C LEU A 136 -0.99 13.11 7.31
N ALA A 137 -0.85 13.88 6.24
CA ALA A 137 -1.95 14.68 5.69
C ALA A 137 -3.11 13.83 5.16
N SER A 138 -2.82 12.61 4.72
CA SER A 138 -3.88 11.73 4.26
C SER A 138 -4.79 11.27 5.40
N TYR A 139 -4.24 11.08 6.59
CA TYR A 139 -4.97 10.40 7.66
C TYR A 139 -5.22 11.26 8.89
N PHE A 140 -4.18 11.89 9.44
CA PHE A 140 -4.37 12.83 10.54
C PHE A 140 -4.85 14.21 10.05
N LYS A 141 -4.46 14.57 8.83
CA LYS A 141 -4.90 15.76 8.10
C LYS A 141 -4.30 17.07 8.57
N ASN A 142 -4.58 17.50 9.80
CA ASN A 142 -4.13 18.80 10.31
C ASN A 142 -3.08 18.48 11.36
N VAL A 143 -1.82 18.73 11.04
CA VAL A 143 -0.71 18.34 11.88
C VAL A 143 0.39 19.39 11.83
N PRO A 144 1.33 19.39 12.77
CA PRO A 144 2.44 20.33 12.68
C PRO A 144 3.31 20.13 11.44
N LEU A 145 3.60 21.24 10.75
CA LEU A 145 4.47 21.22 9.59
C LEU A 145 5.81 21.75 10.09
N VAL A 146 6.70 20.84 10.40
CA VAL A 146 8.01 21.14 10.97
C VAL A 146 9.08 20.95 9.90
N GLU A 147 9.82 22.01 9.65
CA GLU A 147 10.92 22.02 8.68
C GLU A 147 12.28 22.29 9.30
N ASN A 148 12.29 22.91 10.47
CA ASN A 148 13.51 23.28 11.16
C ASN A 148 13.84 22.31 12.27
N VAL A 149 15.11 22.28 12.66
CA VAL A 149 15.56 21.45 13.74
C VAL A 149 15.10 22.11 15.04
N LEU A 150 14.32 21.37 15.83
CA LEU A 150 13.78 21.86 17.07
C LEU A 150 14.38 21.12 18.27
N THR A 151 14.44 21.79 19.39
CA THR A 151 14.79 21.17 20.64
C THR A 151 13.58 20.40 21.10
N GLY A 152 13.73 19.56 22.12
CA GLY A 152 12.60 18.80 22.64
C GLY A 152 11.47 19.71 23.08
N GLU A 153 11.81 20.80 23.78
CA GLU A 153 10.81 21.76 24.24
C GLU A 153 10.03 22.42 23.12
N GLU A 154 10.77 22.86 22.10
N GLU A 154 10.75 22.92 22.10
CA GLU A 154 10.18 23.51 20.94
CA GLU A 154 10.07 23.56 20.95
C GLU A 154 9.18 22.60 20.25
C GLU A 154 9.13 22.58 20.25
N ALA A 155 9.57 21.33 20.13
CA ALA A 155 8.75 20.30 19.51
C ALA A 155 7.44 20.09 20.28
N ASN A 156 7.44 20.35 21.58
CA ASN A 156 6.25 20.17 22.43
C ASN A 156 5.27 21.35 22.39
N ASN A 157 5.58 22.39 21.61
CA ASN A 157 4.73 23.58 21.50
C ASN A 157 4.37 24.01 20.09
N VAL A 158 4.65 23.17 19.12
CA VAL A 158 4.26 23.46 17.73
C VAL A 158 2.74 23.50 17.58
N THR A 159 2.27 24.19 16.54
CA THR A 159 0.86 24.31 16.21
C THR A 159 0.54 23.49 14.96
N LYS A 160 -0.73 23.19 14.74
CA LYS A 160 -1.16 22.47 13.55
C LYS A 160 -1.20 23.38 12.31
N THR A 161 -0.90 22.78 11.15
CA THR A 161 -1.06 23.40 9.87
C THR A 161 -2.19 22.63 9.21
N SER A 162 -3.07 23.31 8.48
CA SER A 162 -4.17 22.62 7.84
C SER A 162 -3.75 21.64 6.76
N GLN A 163 -4.61 20.67 6.52
CA GLN A 163 -4.38 19.71 5.46
C GLN A 163 -4.12 20.43 4.14
N ALA A 164 -4.93 21.44 3.83
CA ALA A 164 -4.76 22.13 2.54
C ALA A 164 -3.40 22.75 2.43
N ASP A 165 -2.91 23.38 3.50
CA ASP A 165 -1.59 24.01 3.49
C ASP A 165 -0.46 22.97 3.42
N ILE A 166 -0.63 21.84 4.10
CA ILE A 166 0.38 20.77 4.01
C ILE A 166 0.45 20.22 2.57
N LEU A 167 -0.71 19.97 1.96
CA LEU A 167 -0.71 19.44 0.61
C LEU A 167 -0.09 20.44 -0.39
N LYS A 168 -0.34 21.74 -0.23
CA LYS A 168 0.29 22.73 -1.09
C LYS A 168 1.81 22.69 -0.94
N TRP A 169 2.29 22.55 0.31
CA TRP A 169 3.72 22.44 0.57
C TRP A 169 4.28 21.17 -0.07
N CYS A 170 3.53 20.08 0.04
CA CYS A 170 3.98 18.81 -0.59
C CYS A 170 4.09 18.97 -2.09
N VAL A 171 3.17 19.69 -2.73
CA VAL A 171 3.30 19.94 -4.16
C VAL A 171 4.63 20.63 -4.48
N THR A 172 4.96 21.68 -3.72
CA THR A 172 6.19 22.40 -3.95
C THR A 172 7.38 21.48 -3.74
N GLU A 173 7.39 20.72 -2.66
CA GLU A 173 8.50 19.85 -2.33
C GLU A 173 8.69 18.71 -3.33
N PHE A 174 7.62 18.03 -3.72
CA PHE A 174 7.76 16.93 -4.70
C PHE A 174 8.17 17.47 -6.04
N THR A 175 7.69 18.66 -6.41
CA THR A 175 8.08 19.25 -7.69
C THR A 175 9.58 19.58 -7.72
N ALA A 176 10.06 20.20 -6.64
CA ALA A 176 11.48 20.54 -6.50
C ALA A 176 12.35 19.30 -6.42
N ALA A 177 11.91 18.29 -5.69
CA ALA A 177 12.65 17.04 -5.64
C ALA A 177 12.73 16.39 -7.01
N ALA A 178 11.60 16.26 -7.71
CA ALA A 178 11.63 15.65 -9.02
C ALA A 178 12.64 16.31 -9.94
N ALA A 179 12.71 17.64 -9.93
CA ALA A 179 13.60 18.37 -10.82
C ALA A 179 15.04 17.93 -10.68
N ASP A 180 15.46 17.56 -9.47
CA ASP A 180 16.86 17.24 -9.18
C ASP A 180 17.15 15.78 -8.89
N LEU A 181 16.19 14.91 -9.16
CA LEU A 181 16.41 13.48 -9.05
C LEU A 181 16.68 12.92 -10.44
N PRO A 182 17.53 11.90 -10.54
CA PRO A 182 17.73 11.28 -11.85
C PRO A 182 16.47 10.60 -12.36
N ARG A 183 16.32 10.61 -13.67
CA ARG A 183 15.23 9.87 -14.29
C ARG A 183 15.46 8.39 -14.06
N PHE A 184 14.37 7.63 -14.09
CA PHE A 184 14.36 6.18 -13.90
C PHE A 184 15.37 5.47 -14.79
N SER A 185 15.46 5.87 -16.07
CA SER A 185 16.37 5.18 -16.98
C SER A 185 17.85 5.35 -16.60
N ALA A 186 18.16 6.37 -15.80
CA ALA A 186 19.52 6.63 -15.34
C ALA A 186 19.89 6.00 -14.01
N ILE A 187 18.98 5.26 -13.39
CA ILE A 187 19.24 4.59 -12.13
C ILE A 187 19.88 3.21 -12.41
N PRO A 188 21.18 3.03 -12.10
CA PRO A 188 21.77 1.70 -12.35
C PRO A 188 21.34 0.66 -11.34
N ALA A 189 21.64 -0.61 -11.61
CA ALA A 189 21.27 -1.69 -10.69
C ALA A 189 21.79 -1.45 -9.27
N GLY A 190 22.97 -0.86 -9.15
CA GLY A 190 23.53 -0.62 -7.83
C GLY A 190 22.82 0.41 -7.00
N GLU A 191 21.95 1.20 -7.63
CA GLU A 191 21.18 2.22 -6.94
C GLU A 191 19.70 1.79 -6.76
N ALA A 192 19.41 0.49 -6.94
CA ALA A 192 18.06 0.00 -6.74
C ALA A 192 17.53 0.39 -5.40
N GLY A 193 16.33 0.99 -5.38
CA GLY A 193 15.71 1.44 -4.16
C GLY A 193 15.77 2.94 -4.02
N ARG A 194 16.74 3.58 -4.66
CA ARG A 194 16.86 5.07 -4.58
C ARG A 194 15.72 5.75 -5.34
N ALA A 195 15.31 6.90 -4.86
CA ALA A 195 14.21 7.67 -5.48
C ALA A 195 14.59 8.31 -6.81
N CYS A 196 13.79 8.08 -7.83
CA CYS A 196 13.97 8.73 -9.11
C CYS A 196 12.94 9.84 -9.35
N LYS A 197 13.17 10.59 -10.41
CA LYS A 197 12.31 11.69 -10.80
C LYS A 197 10.85 11.24 -10.84
N GLN A 198 10.60 10.12 -11.50
CA GLN A 198 9.25 9.58 -11.61
C GLN A 198 8.63 9.19 -10.29
N ALA A 199 9.42 8.77 -9.30
CA ALA A 199 8.86 8.49 -7.96
C ALA A 199 8.31 9.78 -7.35
N ALA A 200 9.09 10.86 -7.44
CA ALA A 200 8.60 12.14 -6.93
C ALA A 200 7.38 12.63 -7.70
N LEU A 201 7.36 12.47 -9.03
CA LEU A 201 6.19 12.87 -9.81
C LEU A 201 4.95 12.04 -9.46
N ALA A 202 5.12 10.75 -9.12
CA ALA A 202 3.97 9.92 -8.78
C ALA A 202 3.39 10.37 -7.47
N PHE A 203 4.24 10.69 -6.49
CA PHE A 203 3.73 11.25 -5.24
C PHE A 203 3.12 12.64 -5.43
N LEU A 204 3.69 13.42 -6.33
CA LEU A 204 3.05 14.69 -6.70
C LEU A 204 1.64 14.44 -7.21
N GLY A 205 1.50 13.50 -8.15
CA GLY A 205 0.18 13.16 -8.65
C GLY A 205 -0.77 12.70 -7.57
N ARG A 206 -0.33 11.85 -6.65
CA ARG A 206 -1.21 11.43 -5.58
C ARG A 206 -1.59 12.62 -4.68
N THR A 207 -0.65 13.51 -4.44
CA THR A 207 -0.93 14.73 -3.64
C THR A 207 -2.02 15.53 -4.32
N CYS A 208 -1.92 15.73 -5.62
CA CYS A 208 -2.92 16.49 -6.33
C CYS A 208 -4.29 15.83 -6.28
N LEU A 210 -5.45 14.12 -3.81
CA LEU A 210 -5.97 14.42 -2.48
C LEU A 210 -6.55 15.83 -2.40
N GLN A 211 -5.90 16.76 -3.09
CA GLN A 211 -6.40 18.13 -3.19
C GLN A 211 -7.60 18.31 -4.11
N LYS A 212 -7.90 17.24 -4.84
N LYS A 212 -7.95 17.27 -4.87
CA LYS A 212 -8.90 17.23 -5.89
CA LYS A 212 -8.96 17.37 -5.93
C LYS A 212 -8.51 18.26 -6.99
C LYS A 212 -8.51 18.33 -7.02
N ASP A 213 -7.19 18.47 -7.17
CA ASP A 213 -6.64 19.29 -8.24
C ASP A 213 -6.34 18.27 -9.34
N TRP A 214 -7.42 17.84 -9.97
CA TRP A 214 -7.34 16.80 -10.97
C TRP A 214 -6.53 17.17 -12.20
N LYS A 215 -6.59 18.44 -12.59
CA LYS A 215 -5.82 18.90 -13.74
C LYS A 215 -4.34 18.77 -13.49
N SER A 216 -3.89 19.20 -12.30
CA SER A 216 -2.47 19.09 -11.97
C SER A 216 -2.05 17.64 -11.79
N GLY A 217 -2.95 16.80 -11.27
CA GLY A 217 -2.62 15.39 -11.09
C GLY A 217 -2.47 14.73 -12.43
N ALA A 218 -3.37 15.00 -13.37
CA ALA A 218 -3.23 14.41 -14.70
C ALA A 218 -1.88 14.79 -15.28
N LYS A 219 -1.47 16.04 -15.13
CA LYS A 219 -0.19 16.48 -15.67
C LYS A 219 0.99 15.75 -15.02
N ALA A 220 0.99 15.56 -13.70
CA ALA A 220 2.06 14.85 -13.03
C ALA A 220 2.19 13.43 -13.55
N PHE A 221 1.09 12.71 -13.62
CA PHE A 221 1.15 11.33 -14.13
C PHE A 221 1.52 11.31 -15.62
N HIS A 222 0.98 12.24 -16.39
N HIS A 222 0.95 12.23 -16.41
CA HIS A 222 1.29 12.31 -17.83
CA HIS A 222 1.31 12.29 -17.83
C HIS A 222 2.76 12.64 -18.06
C HIS A 222 2.79 12.55 -18.00
N ASP A 223 3.39 13.39 -17.15
CA ASP A 223 4.82 13.68 -17.25
C ASP A 223 5.64 12.42 -17.12
N ILE A 224 5.21 11.49 -16.26
CA ILE A 224 5.87 10.20 -16.15
C ILE A 224 5.75 9.43 -17.47
N GLU A 226 5.24 10.61 -20.48
N GLU A 226 5.21 10.62 -20.49
CA GLU A 226 5.96 11.26 -21.57
CA GLU A 226 5.96 11.30 -21.55
C GLU A 226 7.48 11.17 -21.45
C GLU A 226 7.46 11.06 -21.47
N LEU A 227 8.00 10.96 -20.25
CA LEU A 227 9.43 10.71 -20.10
C LEU A 227 9.80 9.41 -20.81
N GLY A 228 8.89 8.44 -20.80
CA GLY A 228 9.09 7.26 -21.63
C GLY A 228 10.01 6.19 -21.10
N ASP A 229 10.35 6.25 -19.82
CA ASP A 229 11.26 5.27 -19.21
C ASP A 229 10.54 4.06 -18.68
N ASN A 230 9.21 4.13 -18.53
CA ASN A 230 8.46 3.08 -17.89
C ASN A 230 7.46 2.41 -18.83
N ALA A 231 7.13 1.18 -18.46
CA ALA A 231 6.24 0.36 -19.28
C ALA A 231 5.65 -0.72 -18.44
N ILE A 232 4.51 -1.21 -18.88
CA ILE A 232 3.83 -2.34 -18.25
C ILE A 232 4.60 -3.63 -18.48
N ASN A 233 4.92 -4.35 -17.41
CA ASN A 233 5.64 -5.60 -17.49
C ASN A 233 4.76 -6.75 -17.99
N ALA A 234 5.28 -7.66 -18.81
CA ALA A 234 4.42 -8.74 -19.31
C ALA A 234 3.85 -9.61 -18.19
N ASN A 235 4.68 -9.86 -17.18
CA ASN A 235 4.31 -10.74 -16.08
C ASN A 235 3.88 -9.99 -14.81
N TYR A 236 2.65 -10.21 -14.39
CA TYR A 236 2.08 -9.55 -13.21
C TYR A 236 2.72 -10.07 -11.93
N GLN A 237 2.75 -11.38 -11.76
CA GLN A 237 3.28 -11.97 -10.51
C GLN A 237 4.70 -11.54 -10.19
N GLU A 238 5.51 -11.43 -11.23
CA GLU A 238 6.93 -11.13 -11.08
C GLU A 238 7.22 -9.72 -10.67
N LEU A 239 6.22 -8.84 -10.72
CA LEU A 239 6.36 -7.50 -10.14
C LEU A 239 6.61 -7.53 -8.66
N PHE A 240 6.23 -8.62 -8.00
CA PHE A 240 6.20 -8.68 -6.54
C PHE A 240 7.16 -9.66 -5.98
N TYR A 241 8.13 -10.12 -6.78
CA TYR A 241 9.08 -11.15 -6.38
C TYR A 241 10.49 -10.57 -6.27
N PRO A 242 11.30 -11.04 -5.32
CA PRO A 242 12.64 -10.50 -5.21
C PRO A 242 13.54 -10.74 -6.45
N SER A 243 13.37 -11.88 -7.13
N SER A 243 13.40 -11.86 -7.15
CA SER A 243 14.27 -12.22 -8.22
CA SER A 243 14.36 -12.10 -8.23
C SER A 243 14.04 -11.40 -9.49
C SER A 243 14.10 -11.24 -9.46
N THR A 244 12.85 -10.81 -9.61
CA THR A 244 12.43 -10.10 -10.80
C THR A 244 11.89 -8.70 -10.61
N GLY A 245 11.58 -8.33 -9.37
CA GLY A 245 10.91 -7.09 -9.10
C GLY A 245 11.68 -5.82 -9.34
N THR A 246 13.00 -5.91 -9.48
CA THR A 246 13.80 -4.72 -9.79
C THR A 246 14.34 -4.76 -11.22
N SER A 247 14.01 -5.78 -11.99
N SER A 247 13.98 -5.78 -11.99
CA SER A 247 14.51 -5.88 -13.37
CA SER A 247 14.49 -5.99 -13.35
C SER A 247 13.35 -5.80 -14.38
C SER A 247 13.58 -5.50 -14.47
N ASN A 248 12.49 -4.83 -14.12
CA ASN A 248 11.44 -4.45 -15.03
C ASN A 248 11.36 -2.93 -15.09
N LYS A 249 10.55 -2.42 -16.00
CA LYS A 249 10.39 -0.97 -16.20
C LYS A 249 9.09 -0.46 -15.61
N GLU A 250 8.43 -1.29 -14.78
CA GLU A 250 7.14 -0.91 -14.19
C GLU A 250 7.26 -0.42 -12.75
N ASN A 251 8.11 -1.06 -11.95
CA ASN A 251 8.25 -0.73 -10.54
C ASN A 251 9.15 0.50 -10.40
N ILE A 252 8.50 1.64 -10.21
CA ILE A 252 9.16 2.95 -10.17
C ILE A 252 9.82 3.19 -8.83
N PHE A 253 9.10 2.91 -7.75
CA PHE A 253 9.61 3.08 -6.38
C PHE A 253 9.20 1.83 -5.62
N TYR A 254 10.10 1.28 -4.83
CA TYR A 254 9.87 0.01 -4.14
C TYR A 254 10.78 -0.12 -2.95
N ILE A 255 10.47 -1.11 -2.09
CA ILE A 255 11.31 -1.49 -0.98
C ILE A 255 11.89 -2.87 -1.27
N GLN A 256 13.23 -2.95 -1.33
CA GLN A 256 13.91 -4.19 -1.54
C GLN A 256 14.44 -4.69 -0.20
N TYR A 257 14.17 -5.94 0.13
CA TYR A 257 14.66 -6.63 1.32
C TYR A 257 15.68 -7.66 0.88
N LEU A 258 16.85 -7.62 1.50
CA LEU A 258 17.96 -8.55 1.26
C LEU A 258 18.18 -9.33 2.52
N GLU A 259 18.15 -10.66 2.40
CA GLU A 259 18.22 -11.53 3.57
C GLU A 259 19.48 -11.34 4.38
N ASN A 260 20.59 -10.90 3.78
CA ASN A 260 21.81 -10.66 4.61
C ASN A 260 21.82 -9.30 5.36
N TYR A 261 20.83 -8.45 5.11
CA TYR A 261 20.73 -7.09 5.65
C TYR A 261 19.44 -7.01 6.43
N LEU A 262 18.45 -6.31 5.92
CA LEU A 262 17.15 -6.21 6.59
C LEU A 262 16.20 -7.08 5.81
N GLY A 263 16.10 -8.32 6.25
CA GLY A 263 15.21 -9.26 5.59
C GLY A 263 13.78 -8.94 5.97
N THR A 264 12.84 -9.39 5.18
CA THR A 264 11.44 -9.21 5.51
C THR A 264 10.87 -10.39 6.31
N GLY A 265 10.05 -10.08 7.30
CA GLY A 265 9.32 -11.10 8.03
C GLY A 265 7.94 -11.37 7.47
N LEU A 266 7.61 -10.79 6.31
CA LEU A 266 6.30 -10.98 5.73
C LEU A 266 5.97 -12.47 5.55
N PRO A 267 6.92 -13.32 5.08
CA PRO A 267 6.56 -14.75 4.97
C PRO A 267 6.14 -15.39 6.31
N GLN A 268 6.91 -15.14 7.37
CA GLN A 268 6.52 -15.69 8.66
C GLN A 268 5.11 -15.27 9.00
N HIS A 269 4.79 -14.01 8.74
CA HIS A 269 3.51 -13.50 9.12
C HIS A 269 2.36 -13.90 8.23
N ALA A 270 2.60 -14.03 6.94
CA ALA A 270 1.49 -14.14 5.97
C ALA A 270 1.40 -15.43 5.17
N LEU A 271 2.41 -16.30 5.26
CA LEU A 271 2.25 -17.65 4.74
C LEU A 271 1.27 -18.40 5.64
N SER A 272 0.73 -19.53 5.15
CA SER A 272 -0.14 -20.36 5.95
C SER A 272 0.68 -21.41 6.71
N ALA A 273 0.05 -22.12 7.62
CA ALA A 273 0.76 -23.06 8.47
C ALA A 273 1.54 -24.11 7.70
N LYS A 274 1.00 -24.61 6.60
CA LYS A 274 1.70 -25.67 5.83
C LYS A 274 3.04 -25.19 5.32
N ASP A 275 3.21 -23.87 5.16
CA ASP A 275 4.45 -23.29 4.70
C ASP A 275 5.18 -22.51 5.79
N GLY A 276 4.81 -22.77 7.04
CA GLY A 276 5.54 -22.18 8.18
C GLY A 276 5.07 -20.85 8.67
N GLY A 277 3.93 -20.36 8.19
CA GLY A 277 3.49 -19.01 8.54
C GLY A 277 2.31 -18.93 9.46
N TRP A 278 1.97 -17.70 9.87
CA TRP A 278 0.95 -17.42 10.87
C TRP A 278 -0.38 -16.93 10.30
N SER A 279 -0.51 -16.85 8.98
CA SER A 279 -1.80 -16.51 8.32
C SER A 279 -2.38 -15.20 8.79
N LEU A 280 -1.57 -14.17 8.98
CA LEU A 280 -2.12 -12.89 9.48
C LEU A 280 -2.96 -12.15 8.45
N VAL A 281 -2.54 -12.20 7.16
CA VAL A 281 -3.20 -11.48 6.04
C VAL A 281 -4.30 -12.31 5.40
N ASN A 282 -5.57 -11.89 5.52
CA ASN A 282 -6.72 -12.70 5.05
C ASN A 282 -7.66 -11.94 4.09
N PRO A 283 -7.52 -12.15 2.78
CA PRO A 283 -8.45 -11.52 1.83
C PRO A 283 -9.88 -11.87 2.12
N ALA A 284 -10.78 -10.93 1.81
CA ALA A 284 -12.19 -11.07 2.06
C ALA A 284 -13.01 -11.40 0.83
N ALA A 285 -14.22 -11.92 1.05
CA ALA A 285 -15.16 -12.24 -0.03
C ALA A 285 -15.38 -11.06 -0.96
N ASP A 286 -15.52 -9.83 -0.46
CA ASP A 286 -15.86 -8.73 -1.35
C ASP A 286 -14.76 -8.50 -2.39
N LEU A 287 -13.50 -8.77 -2.04
CA LEU A 287 -12.43 -8.70 -3.07
C LEU A 287 -12.57 -9.90 -4.03
N TYR A 288 -12.67 -11.11 -3.50
CA TYR A 288 -12.88 -12.27 -4.34
C TYR A 288 -13.97 -12.07 -5.39
N GLU A 289 -15.09 -11.47 -5.00
CA GLU A 289 -16.23 -11.26 -5.86
C GLU A 289 -16.07 -10.13 -6.88
N SER A 290 -15.02 -9.33 -6.72
CA SER A 290 -14.86 -8.15 -7.57
C SER A 290 -14.29 -8.47 -8.96
N TYR A 291 -13.47 -9.50 -9.07
CA TYR A 291 -12.81 -9.83 -10.31
C TYR A 291 -13.84 -10.21 -11.39
N GLU A 292 -13.68 -9.70 -12.60
CA GLU A 292 -14.56 -10.11 -13.68
C GLU A 292 -14.38 -11.58 -14.07
N PHE A 293 -15.37 -12.10 -14.84
CA PHE A 293 -15.16 -13.32 -15.56
C PHE A 293 -14.15 -12.99 -16.66
N LYS A 294 -13.59 -14.02 -17.28
CA LYS A 294 -12.59 -13.87 -18.34
C LYS A 294 -13.08 -13.06 -19.54
N ASP A 295 -14.38 -13.09 -19.84
CA ASP A 295 -14.92 -12.28 -20.94
C ASP A 295 -15.19 -10.82 -20.56
N GLY A 296 -14.80 -10.44 -19.34
CA GLY A 296 -14.92 -9.06 -18.89
C GLY A 296 -16.24 -8.68 -18.28
N THR A 297 -17.15 -9.63 -18.18
CA THR A 297 -18.45 -9.36 -17.59
C THR A 297 -18.34 -9.53 -16.05
N PRO A 298 -19.23 -8.87 -15.29
CA PRO A 298 -19.13 -8.91 -13.83
C PRO A 298 -19.42 -10.27 -13.27
N PHE A 299 -18.73 -10.56 -12.18
CA PHE A 299 -18.95 -11.81 -11.48
C PHE A 299 -20.32 -11.88 -10.82
N SER A 300 -20.90 -13.08 -10.85
CA SER A 300 -22.08 -13.40 -10.08
C SER A 300 -22.04 -14.87 -9.67
N TYR A 301 -22.35 -15.15 -8.41
CA TYR A 301 -22.45 -16.51 -7.93
C TYR A 301 -23.59 -17.24 -8.65
N ASP A 302 -24.53 -16.49 -9.20
CA ASP A 302 -25.67 -17.11 -9.90
C ASP A 302 -25.38 -17.48 -11.35
N ASP A 303 -24.21 -17.13 -11.84
CA ASP A 303 -23.81 -17.40 -13.19
C ASP A 303 -23.27 -18.81 -13.26
N PRO A 304 -23.62 -19.56 -14.32
CA PRO A 304 -23.16 -20.94 -14.37
C PRO A 304 -21.64 -21.12 -14.46
N ARG A 305 -20.90 -20.07 -14.80
CA ARG A 305 -19.43 -20.14 -14.81
C ARG A 305 -18.84 -20.20 -13.39
N TYR A 306 -19.59 -19.80 -12.37
CA TYR A 306 -19.12 -19.93 -10.99
C TYR A 306 -18.95 -21.39 -10.63
N ASP A 307 -17.74 -21.76 -10.21
CA ASP A 307 -17.42 -23.13 -9.86
C ASP A 307 -16.89 -23.16 -8.44
N PRO A 308 -17.70 -23.60 -7.48
CA PRO A 308 -17.24 -23.66 -6.09
C PRO A 308 -16.07 -24.61 -5.86
N SER A 309 -15.80 -25.51 -6.82
CA SER A 309 -14.65 -26.42 -6.71
C SER A 309 -13.35 -25.80 -7.24
N ASN A 310 -13.44 -24.65 -7.90
CA ASN A 310 -12.25 -23.97 -8.41
C ASN A 310 -12.59 -22.49 -8.51
N LEU A 311 -12.33 -21.80 -7.40
CA LEU A 311 -12.80 -20.43 -7.28
C LEU A 311 -12.21 -19.45 -8.26
N GLY A 312 -11.03 -19.73 -8.81
CA GLY A 312 -10.43 -18.81 -9.78
C GLY A 312 -10.70 -19.13 -11.23
N LYS A 313 -11.40 -20.23 -11.48
CA LYS A 313 -11.62 -20.68 -12.85
C LYS A 313 -12.57 -19.75 -13.61
N ASP A 314 -12.16 -19.41 -14.83
CA ASP A 314 -12.95 -18.54 -15.72
C ASP A 314 -13.05 -17.11 -15.16
N ARG A 315 -12.08 -16.74 -14.31
CA ARG A 315 -12.00 -15.41 -13.77
C ARG A 315 -10.73 -14.71 -14.22
N ASP A 316 -10.75 -13.39 -14.12
CA ASP A 316 -9.57 -12.54 -14.35
C ASP A 316 -8.35 -13.27 -13.78
N PRO A 317 -7.28 -13.44 -14.57
CA PRO A 317 -6.09 -14.12 -14.08
C PRO A 317 -5.52 -13.49 -12.82
N ARG A 318 -5.78 -12.18 -12.60
CA ARG A 318 -5.24 -11.53 -11.39
C ARG A 318 -5.83 -12.09 -10.10
N LEU A 319 -6.99 -12.78 -10.17
CA LEU A 319 -7.53 -13.37 -8.96
C LEU A 319 -6.58 -14.45 -8.45
N ASP A 320 -6.31 -15.46 -9.27
CA ASP A 320 -5.37 -16.50 -8.84
C ASP A 320 -3.97 -15.95 -8.65
N TYR A 321 -3.58 -14.89 -9.35
CA TYR A 321 -2.24 -14.33 -9.09
C TYR A 321 -2.13 -13.68 -7.70
N THR A 322 -3.24 -13.20 -7.18
CA THR A 322 -3.25 -12.39 -5.97
C THR A 322 -3.66 -13.11 -4.70
N ILE A 323 -4.60 -14.04 -4.80
CA ILE A 323 -5.13 -14.74 -3.63
C ILE A 323 -5.21 -16.22 -3.88
N TYR A 324 -5.29 -17.00 -2.80
CA TYR A 324 -5.55 -18.45 -2.94
C TYR A 324 -6.58 -18.84 -1.87
N TYR A 325 -7.03 -20.09 -1.95
CA TYR A 325 -8.23 -20.58 -1.28
C TYR A 325 -8.14 -22.10 -1.19
N ASN A 326 -9.09 -22.71 -0.51
CA ASN A 326 -9.12 -24.15 -0.34
C ASN A 326 -9.05 -24.86 -1.67
N GLY A 327 -8.12 -25.81 -1.76
CA GLY A 327 -7.92 -26.57 -3.00
C GLY A 327 -6.92 -26.04 -3.98
N ALA A 328 -6.52 -24.79 -3.84
CA ALA A 328 -5.50 -24.20 -4.68
C ALA A 328 -4.14 -24.75 -4.33
N ILE A 329 -3.23 -24.75 -5.30
CA ILE A 329 -1.83 -25.09 -5.10
C ILE A 329 -1.05 -23.82 -4.82
N PHE A 330 -0.24 -23.87 -3.78
CA PHE A 330 0.66 -22.78 -3.37
C PHE A 330 1.95 -23.37 -2.88
N GLY A 332 3.69 -25.46 -4.32
CA GLY A 332 3.75 -26.86 -4.70
C GLY A 332 2.86 -27.82 -3.95
N THR A 333 2.11 -27.35 -2.96
CA THR A 333 1.24 -28.22 -2.19
C THR A 333 -0.11 -27.55 -2.03
N GLU A 334 -1.11 -28.37 -1.84
CA GLU A 334 -2.49 -27.90 -1.76
C GLU A 334 -2.79 -27.20 -0.45
N TYR A 335 -3.42 -26.02 -0.56
CA TYR A 335 -3.91 -25.31 0.62
C TYR A 335 -5.22 -26.00 1.06
N LYS A 336 -5.27 -26.42 2.32
N LYS A 336 -5.24 -26.44 2.32
CA LYS A 336 -6.44 -27.08 2.90
CA LYS A 336 -6.39 -27.08 2.95
C LYS A 336 -6.98 -26.19 4.02
C LYS A 336 -6.94 -26.11 4.00
N SER A 338 -11.01 -25.33 5.65
CA SER A 338 -12.45 -25.52 5.62
C SER A 338 -13.00 -25.64 7.01
N PRO A 339 -14.27 -25.26 7.22
CA PRO A 339 -14.88 -25.55 8.51
C PRO A 339 -14.90 -27.04 8.88
N ASP A 340 -14.70 -27.92 7.90
CA ASP A 340 -14.81 -29.35 8.12
C ASP A 340 -13.49 -30.03 8.48
N TYR A 341 -12.38 -29.32 8.39
CA TYR A 341 -11.05 -29.93 8.55
C TYR A 341 -10.54 -29.83 9.99
N SER A 342 -9.34 -30.37 10.23
CA SER A 342 -8.79 -30.48 11.56
C SER A 342 -8.08 -29.26 12.08
N ALA A 343 -8.52 -28.75 13.23
CA ALA A 343 -7.85 -27.62 13.87
C ALA A 343 -6.42 -27.98 14.31
N ALA A 344 -6.21 -29.23 14.70
CA ALA A 344 -4.86 -29.67 15.11
C ALA A 344 -3.87 -29.53 13.97
N LYS A 345 -4.35 -29.73 12.73
N LYS A 345 -4.31 -29.73 12.71
CA LYS A 345 -3.53 -29.60 11.53
CA LYS A 345 -3.43 -29.56 11.55
C LYS A 345 -3.48 -28.16 10.99
C LYS A 345 -3.44 -28.13 11.00
N LYS A 346 -4.15 -27.24 11.68
CA LYS A 346 -4.30 -25.82 11.27
C LYS A 346 -4.92 -25.74 9.86
N GLU A 347 -5.87 -26.67 9.61
CA GLU A 347 -6.60 -26.73 8.35
C GLU A 347 -8.05 -26.31 8.52
N LYS A 348 -8.46 -26.05 9.76
CA LYS A 348 -9.85 -25.67 10.01
C LYS A 348 -10.05 -24.15 9.97
N LEU A 349 -11.17 -23.76 9.36
CA LEU A 349 -11.66 -22.41 9.33
C LEU A 349 -12.52 -22.20 10.54
N ASP A 350 -12.04 -21.36 11.47
CA ASP A 350 -12.74 -21.15 12.75
C ASP A 350 -12.42 -19.73 13.24
N TYR A 351 -12.74 -19.45 14.51
CA TYR A 351 -12.53 -18.14 15.10
C TYR A 351 -11.38 -18.10 16.10
N THR A 352 -10.57 -19.16 16.15
CA THR A 352 -9.50 -19.28 17.14
C THR A 352 -8.14 -19.80 16.68
N SER A 353 -8.06 -20.61 15.62
CA SER A 353 -6.80 -21.19 15.23
C SER A 353 -5.84 -20.23 14.57
N GLU A 354 -4.58 -20.61 14.55
CA GLU A 354 -3.52 -19.88 13.87
C GLU A 354 -3.59 -20.26 12.41
N ALA A 355 -4.60 -19.68 11.75
CA ALA A 355 -4.97 -20.00 10.40
C ALA A 355 -5.88 -18.88 9.89
N SER A 356 -6.19 -18.88 8.60
CA SER A 356 -7.01 -17.87 8.02
C SER A 356 -8.36 -17.75 8.67
N ARG A 357 -8.81 -16.52 8.87
CA ARG A 357 -10.15 -16.27 9.40
C ARG A 357 -11.19 -16.17 8.31
N THR A 358 -10.75 -16.08 7.04
CA THR A 358 -11.68 -15.94 5.92
C THR A 358 -11.78 -17.15 5.00
N GLY A 359 -10.76 -17.98 4.93
CA GLY A 359 -10.73 -19.04 3.92
C GLY A 359 -9.87 -18.64 2.73
N PHE A 360 -9.44 -17.38 2.66
CA PHE A 360 -8.52 -16.91 1.61
C PHE A 360 -7.18 -16.61 2.25
N ARG A 363 -1.52 -14.63 -2.13
CA ARG A 363 -0.48 -15.23 -2.98
C ARG A 363 0.56 -14.19 -3.40
N LYS A 364 0.13 -12.95 -3.61
CA LYS A 364 1.02 -11.86 -4.03
C LYS A 364 2.18 -11.74 -3.05
N TYR A 365 3.36 -11.44 -3.62
CA TYR A 365 4.65 -11.20 -2.94
C TYR A 365 5.45 -12.45 -2.60
N PHE A 366 4.91 -13.63 -2.91
CA PHE A 366 5.59 -14.90 -2.58
C PHE A 366 6.06 -15.63 -3.81
N GLU A 367 7.38 -15.62 -4.01
CA GLU A 367 8.03 -16.27 -5.16
C GLU A 367 8.08 -17.75 -4.85
N GLU A 368 7.06 -18.48 -5.28
CA GLU A 368 6.80 -19.85 -4.84
C GLU A 368 7.81 -20.89 -5.27
N SER A 369 8.49 -20.72 -6.38
N SER A 369 8.46 -20.64 -6.40
CA SER A 369 9.43 -21.75 -6.80
CA SER A 369 9.44 -21.56 -6.98
C SER A 369 10.80 -21.62 -6.16
C SER A 369 10.85 -21.43 -6.40
N THR A 370 11.06 -20.50 -5.48
CA THR A 370 12.38 -20.25 -4.89
C THR A 370 12.35 -20.49 -3.39
N PRO A 371 13.22 -21.35 -2.86
CA PRO A 371 13.22 -21.58 -1.42
C PRO A 371 13.46 -20.30 -0.62
N ILE A 372 12.94 -20.29 0.60
CA ILE A 372 13.17 -19.21 1.54
C ILE A 372 13.97 -19.81 2.67
N ASN A 373 15.19 -19.31 2.88
CA ASN A 373 16.00 -19.89 3.92
C ASN A 373 15.46 -19.63 5.31
N ASP A 374 14.95 -18.42 5.54
CA ASP A 374 14.43 -18.03 6.85
C ASP A 374 13.20 -17.16 6.61
N VAL A 375 12.04 -17.71 6.95
CA VAL A 375 10.78 -16.97 6.76
C VAL A 375 10.70 -15.71 7.62
N GLN A 376 11.53 -15.59 8.65
N GLN A 376 11.50 -15.58 8.66
CA GLN A 376 11.57 -14.41 9.50
CA GLN A 376 11.47 -14.34 9.44
C GLN A 376 12.51 -13.32 8.96
C GLN A 376 12.41 -13.28 8.88
N SER A 377 13.32 -13.65 7.97
CA SER A 377 14.28 -12.70 7.42
C SER A 377 14.61 -13.15 6.00
N ALA A 378 13.71 -12.82 5.10
CA ALA A 378 13.73 -13.27 3.72
C ALA A 378 14.06 -12.15 2.76
N ASN A 379 14.46 -12.57 1.56
CA ASN A 379 14.50 -11.64 0.47
C ASN A 379 13.07 -11.25 0.13
N GLY A 380 12.86 -10.04 -0.34
CA GLY A 380 11.53 -9.59 -0.73
C GLY A 380 11.58 -8.34 -1.54
N LEU A 381 10.51 -8.04 -2.26
CA LEU A 381 10.41 -6.83 -3.05
C LEU A 381 8.96 -6.37 -3.03
N THR A 382 8.70 -5.21 -2.43
CA THR A 382 7.34 -4.69 -2.32
C THR A 382 7.24 -3.33 -3.01
N PRO A 383 6.64 -3.29 -4.20
CA PRO A 383 6.47 -2.00 -4.87
C PRO A 383 5.62 -1.00 -4.10
N VAL A 384 6.01 0.27 -4.21
CA VAL A 384 5.30 1.39 -3.63
C VAL A 384 4.58 2.15 -4.74
N ILE A 385 5.25 2.38 -5.86
CA ILE A 385 4.68 3.02 -7.03
C ILE A 385 4.96 2.17 -8.25
N ARG A 386 3.90 1.71 -8.88
CA ARG A 386 3.94 0.95 -10.14
C ARG A 386 3.41 1.80 -11.28
N TYR A 387 3.98 1.56 -12.47
CA TYR A 387 3.49 2.29 -13.65
C TYR A 387 2.00 2.03 -13.91
N ALA A 388 1.48 0.84 -13.56
CA ALA A 388 0.05 0.64 -13.74
C ALA A 388 -0.77 1.64 -12.94
N GLU A 389 -0.32 2.00 -11.74
CA GLU A 389 -1.04 3.01 -10.96
C GLU A 389 -0.93 4.36 -11.65
N VAL A 390 0.23 4.69 -12.21
CA VAL A 390 0.39 5.95 -12.94
C VAL A 390 -0.60 6.05 -14.10
N LEU A 391 -0.73 4.98 -14.88
CA LEU A 391 -1.65 4.99 -16.01
C LEU A 391 -3.09 5.12 -15.56
N LEU A 392 -3.48 4.38 -14.53
CA LEU A 392 -4.86 4.50 -14.03
C LEU A 392 -5.10 5.83 -13.33
N GLY A 393 -4.07 6.36 -12.68
CA GLY A 393 -4.19 7.66 -12.06
C GLY A 393 -4.39 8.77 -13.06
N TYR A 394 -3.63 8.75 -14.15
CA TYR A 394 -3.80 9.69 -15.24
C TYR A 394 -5.24 9.67 -15.74
N LEU A 395 -5.77 8.48 -16.02
CA LEU A 395 -7.12 8.36 -16.53
C LEU A 395 -8.13 8.85 -15.48
N GLU A 396 -7.98 8.48 -14.23
CA GLU A 396 -8.90 8.96 -13.18
C GLU A 396 -8.90 10.48 -13.17
N CYS A 397 -7.73 11.08 -13.23
CA CYS A 397 -7.61 12.55 -13.19
C CYS A 397 -8.28 13.19 -14.40
N LEU A 398 -8.09 12.63 -15.59
CA LEU A 398 -8.75 13.19 -16.78
C LEU A 398 -10.25 13.14 -16.64
N VAL A 399 -10.78 12.01 -16.19
CA VAL A 399 -12.22 11.85 -15.97
C VAL A 399 -12.74 12.88 -14.97
N GLU A 400 -12.03 13.06 -13.87
CA GLU A 400 -12.51 13.99 -12.82
C GLU A 400 -12.33 15.43 -13.22
N ASP A 401 -11.39 15.70 -14.13
CA ASP A 401 -11.16 17.06 -14.65
C ASP A 401 -12.05 17.36 -15.87
N ASN A 402 -13.00 16.50 -16.21
N ASN A 402 -13.00 16.44 -16.11
CA ASN A 402 -13.88 16.84 -17.33
CA ASN A 402 -14.04 16.44 -17.19
C ASN A 402 -13.13 16.95 -18.69
C ASN A 402 -13.45 16.60 -18.58
N GLN A 403 -12.08 16.17 -18.86
N GLN A 403 -12.30 15.97 -18.79
CA GLN A 403 -11.36 16.16 -20.14
CA GLN A 403 -11.65 16.02 -20.09
C GLN A 403 -11.93 14.98 -20.98
C GLN A 403 -12.27 14.99 -20.98
N THR A 404 -12.14 15.19 -22.29
CA THR A 404 -12.71 14.18 -23.21
C THR A 404 -11.81 12.94 -23.27
N ILE A 405 -12.45 11.79 -23.15
CA ILE A 405 -11.74 10.54 -23.19
C ILE A 405 -11.96 9.92 -24.56
N THR A 406 -10.86 9.55 -25.20
CA THR A 406 -10.88 8.91 -26.51
C THR A 406 -10.46 7.46 -26.37
N GLN A 407 -10.74 6.66 -27.39
CA GLN A 407 -10.29 5.29 -27.38
C GLN A 407 -8.76 5.25 -27.31
N GLY A 408 -8.06 6.19 -27.93
CA GLY A 408 -6.61 6.26 -27.85
C GLY A 408 -6.13 6.41 -26.41
N ILE A 409 -6.78 7.28 -25.65
CA ILE A 409 -6.43 7.46 -24.23
C ILE A 409 -6.72 6.19 -23.44
N LEU A 410 -7.86 5.54 -23.70
CA LEU A 410 -8.15 4.28 -23.03
C LEU A 410 -7.08 3.26 -23.37
N ASP A 411 -6.68 3.18 -24.63
CA ASP A 411 -5.70 2.19 -25.05
C ASP A 411 -4.32 2.39 -24.42
N GLU A 412 -3.95 3.64 -24.15
CA GLU A 412 -2.65 3.92 -23.53
C GLU A 412 -2.69 3.77 -21.99
N THR A 413 -3.87 3.68 -21.40
CA THR A 413 -4.00 3.65 -19.96
C THR A 413 -4.62 2.34 -19.48
N ILE A 414 -5.92 2.34 -19.28
CA ILE A 414 -6.61 1.17 -18.74
C ILE A 414 -6.42 -0.10 -19.58
N ASN A 415 -6.39 0.05 -20.89
CA ASN A 415 -6.24 -1.14 -21.75
C ASN A 415 -4.79 -1.61 -21.82
N ALA A 416 -3.83 -0.75 -21.51
CA ALA A 416 -2.44 -1.18 -21.40
C ALA A 416 -2.27 -2.03 -20.12
N VAL A 417 -2.99 -1.66 -19.07
CA VAL A 417 -3.00 -2.43 -17.83
C VAL A 417 -3.73 -3.74 -18.03
N ARG A 418 -4.91 -3.69 -18.63
CA ARG A 418 -5.65 -4.92 -18.88
C ARG A 418 -5.01 -5.84 -19.93
N GLY A 419 -4.31 -5.22 -20.87
CA GLY A 419 -3.68 -5.91 -21.98
C GLY A 419 -2.34 -6.53 -21.69
N ARG A 420 -1.84 -6.37 -20.47
CA ARG A 420 -0.65 -7.02 -20.02
C ARG A 420 -0.68 -8.47 -20.46
N ALA A 421 0.38 -9.02 -21.04
CA ALA A 421 0.29 -10.38 -21.62
C ALA A 421 -0.21 -11.48 -20.69
N SER A 422 0.20 -11.41 -19.43
CA SER A 422 -0.19 -12.41 -18.44
C SER A 422 -1.63 -12.23 -17.94
N VAL A 423 -2.29 -11.15 -18.31
CA VAL A 423 -3.64 -10.85 -17.87
C VAL A 423 -4.58 -10.90 -19.08
N ASN A 424 -4.31 -10.05 -20.06
CA ASN A 424 -4.98 -10.11 -21.36
C ASN A 424 -6.51 -10.08 -21.26
N PRO A 426 -10.30 -8.22 -21.71
CA PRO A 426 -10.87 -7.46 -22.83
C PRO A 426 -10.81 -5.96 -22.65
N PRO A 427 -10.48 -5.22 -23.72
CA PRO A 427 -10.37 -3.77 -23.58
C PRO A 427 -11.70 -3.04 -23.29
N VAL A 428 -11.56 -1.96 -22.55
CA VAL A 428 -12.62 -1.01 -22.25
C VAL A 428 -12.80 -0.06 -23.42
N THR A 429 -14.04 0.28 -23.74
CA THR A 429 -14.38 1.23 -24.79
C THR A 429 -15.26 2.39 -24.28
N GLU A 430 -15.63 2.32 -23.00
CA GLU A 430 -16.53 3.30 -22.38
C GLU A 430 -15.88 4.65 -22.29
N VAL A 431 -16.53 5.68 -22.85
CA VAL A 431 -15.95 7.04 -22.76
C VAL A 431 -16.89 8.04 -22.02
N THR A 432 -18.07 7.60 -21.61
CA THR A 432 -19.03 8.44 -20.85
C THR A 432 -18.47 8.62 -19.43
N PRO A 433 -18.25 9.86 -19.00
CA PRO A 433 -17.46 10.07 -17.76
C PRO A 433 -18.04 9.49 -16.51
N ALA A 434 -19.33 9.63 -16.25
CA ALA A 434 -19.95 9.03 -15.07
C ALA A 434 -19.77 7.52 -15.01
N LYS A 435 -19.92 6.87 -16.15
CA LYS A 435 -19.73 5.44 -16.22
C LYS A 435 -18.26 5.08 -16.14
N LEU A 436 -17.41 5.89 -16.75
CA LEU A 436 -15.98 5.55 -16.75
C LEU A 436 -15.36 5.73 -15.34
N ARG A 437 -15.89 6.63 -14.52
CA ARG A 437 -15.37 6.79 -13.15
C ARG A 437 -15.41 5.44 -12.44
N GLU A 438 -16.55 4.75 -12.46
N GLU A 438 -16.53 4.74 -12.53
CA GLU A 438 -16.61 3.49 -11.72
CA GLU A 438 -16.71 3.51 -11.78
C GLU A 438 -15.74 2.43 -12.38
C GLU A 438 -15.87 2.39 -12.39
N ILE A 439 -15.69 2.40 -13.71
CA ILE A 439 -14.85 1.42 -14.36
C ILE A 439 -13.39 1.61 -13.92
N VAL A 440 -12.91 2.86 -13.88
CA VAL A 440 -11.53 3.11 -13.49
C VAL A 440 -11.29 2.76 -12.02
N ARG A 441 -12.22 3.15 -11.14
CA ARG A 441 -12.08 2.82 -9.72
C ARG A 441 -12.03 1.34 -9.53
N HIS A 442 -12.89 0.63 -10.25
CA HIS A 442 -12.90 -0.83 -10.15
C HIS A 442 -11.61 -1.44 -10.70
N GLU A 443 -11.11 -0.95 -11.84
CA GLU A 443 -9.89 -1.50 -12.38
C GLU A 443 -8.75 -1.27 -11.42
N ARG A 444 -8.69 -0.09 -10.81
CA ARG A 444 -7.69 0.21 -9.86
C ARG A 444 -7.76 -0.77 -8.68
N ARG A 445 -8.96 -1.06 -8.19
CA ARG A 445 -9.16 -2.03 -7.10
C ARG A 445 -8.55 -3.38 -7.46
N ILE A 446 -8.87 -3.86 -8.66
CA ILE A 446 -8.36 -5.16 -9.08
C ILE A 446 -6.86 -5.15 -9.30
N GLU A 447 -6.38 -4.15 -10.02
CA GLU A 447 -4.95 -4.11 -10.36
C GLU A 447 -4.07 -4.02 -9.14
N LEU A 448 -4.47 -3.22 -8.15
CA LEU A 448 -3.63 -2.96 -6.99
C LEU A 448 -4.04 -3.73 -5.75
N ALA A 449 -4.89 -4.73 -5.88
CA ALA A 449 -5.36 -5.46 -4.72
C ALA A 449 -4.24 -6.06 -3.89
N GLU A 451 -2.03 -4.49 -2.09
CA GLU A 451 -0.77 -3.75 -2.09
C GLU A 451 -0.78 -2.57 -1.12
N GLY A 452 -1.82 -2.42 -0.32
CA GLY A 452 -1.84 -1.38 0.72
C GLY A 452 -2.31 -0.01 0.26
N ILE A 453 -3.02 0.07 -0.87
CA ILE A 453 -3.49 1.33 -1.43
C ILE A 453 -5.01 1.47 -1.30
N ARG A 454 -5.72 0.36 -1.08
CA ARG A 454 -7.18 0.40 -1.09
C ARG A 454 -7.76 1.33 -0.02
N TYR A 455 -7.23 1.26 1.19
CA TYR A 455 -7.71 2.13 2.25
C TYR A 455 -7.48 3.58 1.87
N TRP A 456 -6.29 3.92 1.39
CA TRP A 456 -6.03 5.30 0.96
C TRP A 456 -7.06 5.72 -0.08
N ASP A 457 -7.40 4.84 -1.02
CA ASP A 457 -8.37 5.20 -2.06
C ASP A 457 -9.78 5.38 -1.51
N ILE A 458 -10.29 4.44 -0.70
CA ILE A 458 -11.66 4.54 -0.24
C ILE A 458 -11.83 5.75 0.71
N ARG A 460 -9.93 8.74 0.36
CA ARG A 460 -9.90 9.96 -0.47
C ARG A 460 -11.17 10.08 -1.31
N TRP A 461 -11.72 8.96 -1.77
CA TRP A 461 -12.95 8.98 -2.55
C TRP A 461 -14.19 9.27 -1.72
N GLY A 462 -14.10 9.17 -0.40
CA GLY A 462 -15.29 9.40 0.42
C GLY A 462 -16.31 8.26 0.31
N ILE A 463 -15.82 7.06 0.03
CA ILE A 463 -16.69 5.88 0.00
C ILE A 463 -16.38 4.87 1.10
N ALA A 464 -15.37 5.15 1.93
CA ALA A 464 -15.06 4.27 3.05
C ALA A 464 -16.24 4.04 3.94
N HIS A 465 -17.03 5.06 4.20
CA HIS A 465 -18.18 4.88 5.10
C HIS A 465 -19.27 4.02 4.48
N GLU A 466 -19.24 3.83 3.17
CA GLU A 466 -20.15 2.90 2.51
C GLU A 466 -19.60 1.48 2.58
N VAL A 467 -18.37 1.30 2.13
CA VAL A 467 -17.85 -0.06 2.02
C VAL A 467 -17.41 -0.66 3.36
N LEU A 468 -17.17 0.20 4.35
CA LEU A 468 -16.81 -0.25 5.71
C LEU A 468 -17.97 -0.09 6.70
N SER A 469 -19.20 -0.13 6.17
CA SER A 469 -20.41 -0.13 7.00
C SER A 469 -21.02 -1.51 7.10
N GLN A 470 -20.32 -2.52 6.59
CA GLN A 470 -20.88 -3.83 6.34
C GLN A 470 -20.24 -4.96 7.09
N LYS A 471 -20.92 -6.09 7.03
CA LYS A 471 -20.32 -7.34 7.50
C LYS A 471 -19.24 -7.77 6.49
N ILE A 472 -18.32 -8.57 6.99
CA ILE A 472 -17.19 -9.13 6.26
C ILE A 472 -17.45 -10.63 6.12
N TRP A 473 -17.33 -11.12 4.89
CA TRP A 473 -17.58 -12.52 4.58
C TRP A 473 -16.30 -13.14 4.03
N GLY A 474 -16.27 -14.47 4.05
CA GLY A 474 -15.13 -15.24 3.59
C GLY A 474 -15.49 -16.11 2.39
N ALA A 475 -14.67 -17.13 2.19
CA ALA A 475 -14.85 -18.02 1.03
C ALA A 475 -16.14 -18.79 1.12
N PRO A 476 -16.64 -19.22 -0.04
CA PRO A 476 -17.86 -20.00 -0.04
C PRO A 476 -17.61 -21.48 0.28
N TYR A 477 -18.51 -22.10 1.05
CA TYR A 477 -18.39 -23.49 1.46
C TYR A 477 -19.72 -24.26 1.32
N PRO A 478 -20.29 -24.28 0.10
CA PRO A 478 -21.52 -25.04 -0.07
C PRO A 478 -21.32 -26.52 0.26
N GLY A 479 -20.15 -27.09 0.09
CA GLY A 479 -19.98 -28.51 0.37
C GLY A 479 -19.62 -28.83 1.80
N SER A 480 -19.59 -27.85 2.68
CA SER A 480 -19.22 -28.09 4.07
C SER A 480 -20.34 -28.61 4.93
N THR A 481 -20.07 -29.70 5.65
CA THR A 481 -21.03 -30.30 6.54
C THR A 481 -21.16 -29.54 7.85
N GLN A 482 -20.08 -28.88 8.28
CA GLN A 482 -20.07 -28.16 9.55
C GLN A 482 -20.46 -26.70 9.43
N TYR A 483 -20.51 -26.17 8.22
CA TYR A 483 -20.79 -24.75 8.01
C TYR A 483 -22.03 -24.24 8.71
N ALA A 484 -23.15 -24.93 8.51
CA ALA A 484 -24.43 -24.42 9.03
C ALA A 484 -24.47 -24.20 10.54
N THR A 485 -23.77 -25.03 11.28
CA THR A 485 -23.79 -24.92 12.75
C THR A 485 -22.59 -24.22 13.37
N THR A 486 -21.61 -23.81 12.55
CA THR A 486 -20.42 -23.18 13.10
C THR A 486 -20.19 -21.76 12.60
N THR A 487 -20.67 -21.39 11.42
CA THR A 487 -20.56 -19.97 11.05
C THR A 487 -21.37 -19.15 12.07
N LYS A 488 -20.87 -17.99 12.49
CA LYS A 488 -21.64 -17.18 13.42
C LYS A 488 -22.94 -16.68 12.82
N GLU A 489 -22.99 -16.52 11.50
CA GLU A 489 -24.18 -16.12 10.76
C GLU A 489 -24.17 -16.84 9.44
N VAL A 490 -25.30 -17.45 9.06
CA VAL A 490 -25.43 -18.08 7.74
C VAL A 490 -25.52 -16.97 6.72
N ASP A 491 -24.76 -17.09 5.63
CA ASP A 491 -24.71 -16.07 4.58
C ASP A 491 -26.11 -15.82 4.06
N PRO A 492 -26.64 -14.60 4.24
CA PRO A 492 -28.02 -14.33 3.85
C PRO A 492 -28.22 -14.25 2.34
N THR A 493 -27.14 -14.18 1.57
CA THR A 493 -27.22 -14.18 0.12
C THR A 493 -27.37 -15.59 -0.45
N GLY A 494 -27.24 -16.60 0.38
CA GLY A 494 -27.37 -17.99 -0.05
C GLY A 494 -26.16 -18.62 -0.70
N ASN A 495 -25.01 -18.00 -0.55
CA ASN A 495 -23.80 -18.50 -1.19
C ASN A 495 -22.83 -19.19 -0.26
N TYR A 496 -23.27 -19.46 0.96
CA TYR A 496 -22.52 -20.27 1.92
C TYR A 496 -21.14 -19.69 2.27
N ARG A 497 -21.04 -18.35 2.23
CA ARG A 497 -19.79 -17.68 2.59
C ARG A 497 -19.63 -17.69 4.11
N TRP A 498 -18.40 -17.87 4.55
CA TRP A 498 -18.09 -17.89 5.99
C TRP A 498 -18.30 -16.48 6.61
N TYR A 499 -18.93 -16.40 7.78
CA TYR A 499 -19.06 -15.13 8.47
C TYR A 499 -17.72 -14.79 9.14
N VAL A 500 -17.15 -13.64 8.77
CA VAL A 500 -15.86 -13.24 9.31
C VAL A 500 -15.97 -12.23 10.45
N GLY A 501 -16.72 -11.14 10.23
CA GLY A 501 -16.80 -10.09 11.24
C GLY A 501 -17.55 -8.92 10.65
N LYS A 502 -17.42 -7.75 11.27
CA LYS A 502 -18.15 -6.58 10.78
C LYS A 502 -17.41 -5.29 11.14
N ARG A 503 -17.83 -4.24 10.44
CA ARG A 503 -17.39 -2.87 10.70
C ARG A 503 -18.59 -1.94 10.75
N ALA A 504 -18.40 -0.81 11.43
CA ALA A 504 -19.39 0.26 11.48
C ALA A 504 -18.64 1.60 11.47
N PHE A 505 -17.88 1.81 10.39
CA PHE A 505 -17.14 3.05 10.18
C PHE A 505 -18.04 4.25 10.35
N ARG A 506 -17.58 5.26 11.08
CA ARG A 506 -18.40 6.41 11.37
C ARG A 506 -18.19 7.56 10.40
N ASN A 507 -19.29 8.05 9.80
CA ASN A 507 -19.23 9.19 8.91
C ASN A 507 -19.65 10.44 9.69
N PRO A 508 -18.79 11.45 9.82
CA PRO A 508 -17.47 11.66 9.24
C PRO A 508 -16.25 11.28 10.05
N THR A 509 -16.43 10.92 11.30
CA THR A 509 -15.30 10.77 12.22
C THR A 509 -14.18 9.91 11.71
N ASP A 510 -14.48 8.75 11.12
CA ASP A 510 -13.38 7.84 10.75
C ASP A 510 -12.66 8.22 9.47
N TYR A 511 -13.07 9.30 8.79
CA TYR A 511 -12.23 9.84 7.73
C TYR A 511 -10.97 10.55 8.26
N THR A 512 -10.90 10.81 9.57
CA THR A 512 -9.73 11.48 10.13
C THR A 512 -9.27 10.71 11.36
N TRP A 513 -7.98 10.40 11.46
CA TRP A 513 -7.44 9.78 12.66
C TRP A 513 -7.19 10.90 13.67
N PRO A 514 -7.50 10.66 14.96
CA PRO A 514 -7.20 11.67 15.99
C PRO A 514 -5.69 11.79 16.22
N ILE A 515 -5.25 12.95 16.69
CA ILE A 515 -3.90 13.11 17.12
C ILE A 515 -3.65 12.13 18.28
N PRO A 516 -2.51 11.43 18.27
CA PRO A 516 -2.30 10.49 19.36
C PRO A 516 -2.40 11.16 20.74
N GLN A 517 -2.98 10.43 21.68
CA GLN A 517 -3.28 10.96 23.00
C GLN A 517 -2.04 11.50 23.70
N SER A 518 -0.92 10.82 23.56
CA SER A 518 0.27 11.29 24.28
C SER A 518 0.68 12.68 23.82
N GLU A 519 0.45 12.97 22.55
CA GLU A 519 0.86 14.26 21.96
C GLU A 519 -0.13 15.34 22.33
N GLN A 520 -1.42 15.00 22.39
CA GLN A 520 -2.42 15.93 22.89
C GLN A 520 -2.09 16.29 24.34
N ASN A 521 -1.63 15.32 25.13
CA ASN A 521 -1.37 15.56 26.54
C ASN A 521 -0.20 16.50 26.74
N ILE A 522 0.83 16.35 25.94
N ILE A 522 0.83 16.37 25.93
CA ILE A 522 2.02 17.20 26.05
CA ILE A 522 2.08 17.13 26.09
C ILE A 522 1.79 18.61 25.56
C ILE A 522 2.07 18.51 25.40
N ASN A 523 1.23 18.69 24.37
CA ASN A 523 1.11 19.92 23.61
C ASN A 523 -0.32 20.40 23.54
N PRO A 524 -0.64 21.52 24.23
N PRO A 524 -0.70 21.39 24.37
CA PRO A 524 -2.02 21.95 24.27
CA PRO A 524 -2.06 21.95 24.32
C PRO A 524 -2.52 22.39 22.91
C PRO A 524 -2.53 22.44 22.92
N ASN A 525 -1.61 22.74 22.01
CA ASN A 525 -1.99 23.15 20.65
C ASN A 525 -2.53 21.98 19.79
N LEU A 526 -2.30 20.74 20.25
CA LEU A 526 -2.78 19.55 19.53
C LEU A 526 -4.04 18.93 20.15
N ARG A 527 -4.66 19.64 21.10
CA ARG A 527 -5.95 19.23 21.68
C ARG A 527 -7.07 19.90 20.93
#